data_4NTX
#
_entry.id   4NTX
#
_cell.length_a   151.560
_cell.length_b   151.560
_cell.length_c   123.200
_cell.angle_alpha   90.00
_cell.angle_beta   90.00
_cell.angle_gamma   120.00
#
_symmetry.space_group_name_H-M   'H 3'
#
loop_
_entity.id
_entity.type
_entity.pdbx_description
1 polymer 'Acid-sensing ion channel 1'
2 polymer 'Neurotoxin MitTx-alpha'
3 polymer 'Basic phospholipase A2 homolog Tx-beta'
4 non-polymer 2-acetamido-2-deoxy-beta-D-glucopyranose
5 non-polymer 'CHLORIDE ION'
6 non-polymer 'SODIUM ION'
7 non-polymer 'HEXAETHYLENE GLYCOL'
8 non-polymer 3,5-DIAMINO-N-(AMINOIMINOMETHYL)-6-CHLOROPYRAZINECARBOXAMIDE
9 water water
#
loop_
_entity_poly.entity_id
_entity_poly.type
_entity_poly.pdbx_seq_one_letter_code
_entity_poly.pdbx_strand_id
1 'polypeptide(L)'
;GQPVSIQAFASSSTLHGISHIFSYERLSLKRVVWALCFMGSLALLALVCTNRIQYYFLYPHVTKLDEVAATRLTFPAVTF
CNLNEFRFSRVTKNDLYHAGELLALLNNRYEIPDTQTADEKQLEILQDKANFRNFKPKPFNMLEFYDRAGHDIREMLLSC
FFRGEQCSPEDFKVVFTRYGKCYTFNAGQDGKPRLITMKGGTGNGLEIMLDIQQDEYLPVWGETDETSFEAGIKVQIHSQ
DEPPLIDQLGFGVAPGFQTFVSCQEQRLIYLPPPWGDCKATTGDSEFYDTYSITACRIDCETRYLVENCNCRMVHMPGDA
PYCTPEQYKECADPALDFLVEKDNEYCVCEMPCNVTRYGKELSMVKIPSKASAKYLAKKYNKSEQYIGENILVLDIFFEA
LNYETIEQKKAYEVAGLLGDIGGQMGLFIGASILTVLELFDYAYEVIKHR
;
A
2 'polypeptide(L)' (PCA)IRPAFCYEDPPFFQKCGAFVDSYYFNRSRITCVHFFYGQCDVNQNHFTTMSECNRVCHG B
3 'polypeptide(L)'
;NLNQFRLMIKCTNDRVWADFVDYGCYCVARDSNTPVDDLDRCCQAQKQCYDEAVKVHGCKPLVMFYSFECRYLASDLDCS
GNNTKCRNFVCNCDRTATLCILTATYNRNNHKIDPSRCQ
;
C
#
# COMPACT_ATOMS: atom_id res chain seq x y z
N VAL A 32 -30.73 13.78 -65.17
CA VAL A 32 -30.98 14.02 -63.75
C VAL A 32 -30.57 12.80 -62.91
N VAL A 33 -30.39 11.67 -63.58
CA VAL A 33 -29.96 10.45 -62.91
C VAL A 33 -28.57 10.61 -62.30
N TRP A 34 -27.77 11.50 -62.91
CA TRP A 34 -26.43 11.78 -62.44
C TRP A 34 -26.43 12.51 -61.10
N ALA A 35 -27.21 13.58 -61.00
CA ALA A 35 -27.29 14.36 -59.77
C ALA A 35 -27.88 13.53 -58.63
N LEU A 36 -28.65 12.51 -58.98
CA LEU A 36 -29.11 11.52 -58.00
C LEU A 36 -27.93 10.67 -57.57
N CYS A 37 -27.17 10.20 -58.55
CA CYS A 37 -25.99 9.38 -58.30
C CYS A 37 -24.87 10.14 -57.60
N PHE A 38 -24.68 11.41 -57.94
CA PHE A 38 -23.63 12.21 -57.32
C PHE A 38 -23.87 12.42 -55.83
N MET A 39 -25.12 12.75 -55.47
CA MET A 39 -25.46 12.96 -54.07
C MET A 39 -25.78 11.63 -53.39
N GLY A 40 -25.83 10.57 -54.19
CA GLY A 40 -25.96 9.21 -53.67
C GLY A 40 -24.62 8.69 -53.22
N SER A 41 -23.56 9.16 -53.88
CA SER A 41 -22.20 8.86 -53.49
C SER A 41 -21.75 9.80 -52.38
N LEU A 42 -22.37 10.98 -52.33
CA LEU A 42 -22.03 11.96 -51.30
C LEU A 42 -22.59 11.53 -49.95
N ALA A 43 -23.76 10.89 -49.96
CA ALA A 43 -24.37 10.41 -48.72
C ALA A 43 -23.49 9.33 -48.10
N LEU A 44 -23.05 8.39 -48.93
CA LEU A 44 -22.18 7.32 -48.47
C LEU A 44 -20.84 7.86 -47.96
N LEU A 45 -20.37 8.93 -48.59
CA LEU A 45 -19.13 9.58 -48.15
C LEU A 45 -19.29 10.19 -46.77
N ALA A 46 -20.45 10.80 -46.54
CA ALA A 46 -20.77 11.40 -45.25
C ALA A 46 -20.74 10.35 -44.14
N LEU A 47 -21.28 9.17 -44.42
CA LEU A 47 -21.31 8.08 -43.44
C LEU A 47 -19.92 7.60 -43.07
N VAL A 48 -19.11 7.32 -44.09
CA VAL A 48 -17.71 6.93 -43.88
C VAL A 48 -16.97 7.99 -43.07
N CYS A 49 -17.20 9.25 -43.42
CA CYS A 49 -16.52 10.36 -42.77
C CYS A 49 -16.89 10.55 -41.30
N THR A 50 -18.17 10.37 -40.96
CA THR A 50 -18.59 10.51 -39.57
C THR A 50 -18.04 9.36 -38.73
N ASN A 51 -18.01 8.18 -39.32
CA ASN A 51 -17.35 7.02 -38.70
C ASN A 51 -15.91 7.37 -38.30
N ARG A 52 -15.14 7.88 -39.26
CA ARG A 52 -13.76 8.30 -39.01
C ARG A 52 -13.65 9.39 -37.96
N ILE A 53 -14.66 10.26 -37.90
CA ILE A 53 -14.64 11.35 -36.93
C ILE A 53 -14.98 10.82 -35.54
N GLN A 54 -15.95 9.91 -35.48
CA GLN A 54 -16.35 9.31 -34.22
C GLN A 54 -15.19 8.50 -33.63
N TYR A 55 -14.44 7.85 -34.51
CA TYR A 55 -13.28 7.07 -34.11
C TYR A 55 -12.20 7.99 -33.52
N TYR A 56 -11.88 9.08 -34.21
CA TYR A 56 -10.90 10.04 -33.69
C TYR A 56 -11.23 10.49 -32.27
N PHE A 57 -12.52 10.63 -31.98
CA PHE A 57 -12.93 11.17 -30.69
C PHE A 57 -13.03 10.08 -29.62
N LEU A 58 -12.72 8.85 -30.00
CA LEU A 58 -12.46 7.80 -29.03
C LEU A 58 -11.02 7.93 -28.54
N TYR A 59 -10.22 8.70 -29.26
CA TYR A 59 -8.79 8.81 -29.00
C TYR A 59 -8.17 7.44 -28.75
N PRO A 60 -8.14 6.59 -29.78
CA PRO A 60 -7.62 5.22 -29.57
C PRO A 60 -6.11 5.23 -29.38
N HIS A 61 -5.56 4.15 -28.84
CA HIS A 61 -4.13 3.99 -28.79
C HIS A 61 -3.76 2.58 -29.16
N VAL A 62 -2.54 2.42 -29.69
CA VAL A 62 -1.98 1.09 -29.90
C VAL A 62 -0.70 0.98 -29.08
N THR A 63 -0.20 -0.24 -28.91
CA THR A 63 1.01 -0.49 -28.14
C THR A 63 2.18 -0.86 -29.02
N LYS A 64 3.31 -0.19 -28.82
CA LYS A 64 4.48 -0.40 -29.66
C LYS A 64 5.64 -0.95 -28.82
N LEU A 65 6.14 -2.10 -29.24
CA LEU A 65 7.23 -2.78 -28.55
C LEU A 65 8.53 -2.35 -29.21
N ASP A 66 9.58 -2.18 -28.41
CA ASP A 66 10.88 -1.87 -28.99
C ASP A 66 12.04 -2.31 -28.10
N GLU A 67 13.14 -2.71 -28.71
CA GLU A 67 14.37 -3.02 -28.01
C GLU A 67 15.30 -1.85 -28.22
N VAL A 68 15.82 -1.30 -27.14
CA VAL A 68 16.72 -0.16 -27.24
C VAL A 68 18.12 -0.51 -26.76
N ALA A 69 19.07 -0.56 -27.69
CA ALA A 69 20.47 -0.74 -27.31
C ALA A 69 20.97 0.51 -26.57
N ALA A 70 21.76 0.29 -25.53
CA ALA A 70 22.26 1.39 -24.71
C ALA A 70 23.75 1.22 -24.42
N THR A 71 24.43 2.35 -24.22
CA THR A 71 25.84 2.38 -23.83
C THR A 71 25.92 2.46 -22.32
N ARG A 72 24.80 2.77 -21.69
CA ARG A 72 24.73 2.92 -20.25
C ARG A 72 23.34 2.60 -19.71
N LEU A 73 23.28 2.17 -18.46
CA LEU A 73 22.01 2.00 -17.74
C LEU A 73 22.21 2.60 -16.38
N THR A 74 21.18 3.22 -15.83
CA THR A 74 21.26 3.65 -14.45
C THR A 74 21.05 2.41 -13.58
N PHE A 75 21.97 2.19 -12.64
CA PHE A 75 21.83 1.05 -11.76
C PHE A 75 20.68 1.35 -10.83
N PRO A 76 19.89 0.33 -10.49
CA PRO A 76 18.70 0.63 -9.70
C PRO A 76 19.07 0.85 -8.23
N ALA A 77 18.05 1.10 -7.42
CA ALA A 77 18.21 1.15 -5.99
C ALA A 77 18.01 -0.28 -5.48
N VAL A 78 18.71 -0.63 -4.41
CA VAL A 78 18.64 -1.95 -3.85
C VAL A 78 18.41 -1.86 -2.35
N THR A 79 17.23 -2.28 -1.93
CA THR A 79 16.82 -2.18 -0.53
C THR A 79 16.81 -3.58 0.07
N PHE A 80 17.41 -3.73 1.24
CA PHE A 80 17.34 -5.00 1.95
C PHE A 80 16.99 -4.84 3.43
N CYS A 81 16.46 -5.90 4.02
CA CYS A 81 16.06 -5.90 5.41
C CYS A 81 16.50 -7.24 5.99
N ASN A 82 17.01 -7.25 7.21
CA ASN A 82 17.12 -8.48 7.94
C ASN A 82 15.71 -8.98 8.24
N LEU A 83 15.47 -10.28 8.16
CA LEU A 83 14.15 -10.83 8.55
C LEU A 83 13.88 -10.72 10.05
N ASN A 84 14.95 -10.60 10.84
CA ASN A 84 14.80 -10.33 12.25
C ASN A 84 14.79 -8.83 12.50
N GLU A 85 13.75 -8.35 13.18
CA GLU A 85 13.54 -6.92 13.36
C GLU A 85 14.30 -6.29 14.52
N PHE A 86 14.54 -7.04 15.59
CA PHE A 86 15.19 -6.50 16.78
C PHE A 86 16.36 -7.33 17.27
N ARG A 87 17.51 -6.70 17.45
CA ARG A 87 18.66 -7.39 18.02
C ARG A 87 18.43 -7.74 19.49
N PHE A 88 18.47 -9.02 19.80
CA PHE A 88 18.31 -9.52 21.16
C PHE A 88 19.17 -8.80 22.20
N SER A 89 20.43 -8.54 21.86
CA SER A 89 21.34 -7.88 22.80
C SER A 89 21.02 -6.40 22.97
N ARG A 90 20.04 -5.90 22.24
CA ARG A 90 19.74 -4.47 22.29
C ARG A 90 18.38 -4.22 22.95
N VAL A 91 17.65 -5.28 23.25
CA VAL A 91 16.35 -5.12 23.90
C VAL A 91 16.58 -4.92 25.40
N THR A 92 16.20 -3.75 25.91
CA THR A 92 16.36 -3.44 27.33
C THR A 92 15.12 -3.80 28.12
N LYS A 93 15.25 -3.79 29.45
CA LYS A 93 14.12 -4.00 30.35
C LYS A 93 12.96 -3.08 29.97
N ASN A 94 13.26 -1.80 29.73
CA ASN A 94 12.22 -0.86 29.35
C ASN A 94 11.57 -1.26 28.02
N ASP A 95 12.39 -1.66 27.04
CA ASP A 95 11.87 -2.13 25.75
C ASP A 95 10.90 -3.28 25.99
N LEU A 96 11.35 -4.26 26.77
CA LEU A 96 10.56 -5.45 27.03
C LEU A 96 9.28 -5.10 27.76
N TYR A 97 9.32 -4.04 28.57
CA TYR A 97 8.14 -3.64 29.33
C TYR A 97 7.05 -3.12 28.42
N HIS A 98 7.44 -2.28 27.46
CA HIS A 98 6.46 -1.70 26.57
C HIS A 98 6.10 -2.60 25.38
N ALA A 99 7.06 -3.38 24.88
CA ALA A 99 6.92 -4.08 23.61
C ALA A 99 7.01 -5.59 23.71
N GLY A 100 7.18 -6.10 24.91
CA GLY A 100 7.35 -7.53 25.13
C GLY A 100 6.17 -8.30 24.60
N GLU A 101 4.97 -7.80 24.86
CA GLU A 101 3.77 -8.54 24.48
C GLU A 101 3.60 -8.58 22.96
N LEU A 102 3.86 -7.44 22.34
CA LEU A 102 3.94 -7.35 20.89
C LEU A 102 4.85 -8.43 20.28
N LEU A 103 6.04 -8.60 20.85
CA LEU A 103 7.03 -9.54 20.33
C LEU A 103 6.87 -10.99 20.84
N ALA A 104 5.74 -11.29 21.49
CA ALA A 104 5.47 -12.59 22.11
C ALA A 104 6.51 -13.08 23.12
N LEU A 105 7.29 -12.16 23.67
CA LEU A 105 8.21 -12.52 24.75
C LEU A 105 7.47 -12.50 26.10
N LEU A 106 6.39 -11.74 26.17
CA LEU A 106 5.60 -11.63 27.39
C LEU A 106 4.13 -11.89 27.07
N ASN A 107 3.40 -12.44 28.05
CA ASN A 107 1.95 -12.54 27.94
C ASN A 107 1.30 -11.24 28.39
N ASN A 108 -0.03 -11.20 28.39
CA ASN A 108 -0.76 -9.99 28.71
C ASN A 108 -0.70 -9.63 30.20
N ARG A 109 0.07 -10.41 30.96
CA ARG A 109 0.28 -10.17 32.38
C ARG A 109 1.71 -9.73 32.61
N TYR A 110 2.40 -9.37 31.53
CA TYR A 110 3.79 -8.94 31.56
C TYR A 110 4.70 -10.04 32.08
N GLU A 111 4.39 -11.29 31.77
CA GLU A 111 5.22 -12.37 32.24
C GLU A 111 5.71 -13.28 31.12
N ILE A 112 6.92 -13.80 31.29
CA ILE A 112 7.44 -14.86 30.44
C ILE A 112 6.46 -16.00 30.47
N PRO A 113 5.89 -16.36 29.31
CA PRO A 113 4.89 -17.44 29.28
C PRO A 113 5.52 -18.80 29.56
N ASP A 114 4.77 -19.71 30.17
CA ASP A 114 5.27 -21.06 30.46
C ASP A 114 5.26 -21.90 29.18
N THR A 115 4.75 -21.32 28.11
CA THR A 115 4.86 -21.86 26.77
C THR A 115 6.24 -21.50 26.20
N GLN A 116 7.23 -21.34 27.09
CA GLN A 116 8.59 -21.00 26.71
C GLN A 116 9.22 -22.10 25.85
N THR A 117 9.49 -21.76 24.60
CA THR A 117 10.18 -22.66 23.70
C THR A 117 11.59 -22.11 23.53
N ALA A 118 12.29 -22.00 24.66
CA ALA A 118 13.62 -21.37 24.71
C ALA A 118 14.67 -22.34 25.21
N ASP A 119 15.93 -22.06 24.90
CA ASP A 119 17.04 -22.83 25.46
C ASP A 119 17.23 -22.38 26.91
N GLU A 120 18.37 -22.72 27.49
CA GLU A 120 18.67 -22.39 28.88
C GLU A 120 19.12 -20.93 29.08
N LYS A 121 20.24 -20.55 28.46
CA LYS A 121 20.82 -19.21 28.71
C LYS A 121 19.89 -18.04 28.39
N GLN A 122 19.22 -18.10 27.23
CA GLN A 122 18.34 -17.02 26.80
C GLN A 122 17.16 -16.83 27.74
N LEU A 123 16.58 -17.93 28.22
CA LEU A 123 15.51 -17.84 29.22
C LEU A 123 15.99 -17.09 30.47
N GLU A 124 17.19 -17.44 30.94
CA GLU A 124 17.79 -16.76 32.09
C GLU A 124 17.96 -15.27 31.86
N ILE A 125 18.49 -14.89 30.71
CA ILE A 125 18.65 -13.47 30.40
C ILE A 125 17.30 -12.77 30.36
N LEU A 126 16.33 -13.42 29.71
CA LEU A 126 15.02 -12.80 29.55
C LEU A 126 14.21 -12.76 30.86
N GLN A 127 14.37 -13.77 31.70
CA GLN A 127 13.72 -13.80 33.00
C GLN A 127 14.18 -12.63 33.86
N ASP A 128 15.49 -12.43 33.91
CA ASP A 128 16.07 -11.28 34.58
C ASP A 128 15.59 -9.97 33.98
N LYS A 129 15.64 -9.86 32.65
CA LYS A 129 15.23 -8.65 31.95
C LYS A 129 13.74 -8.36 32.18
N ALA A 130 12.97 -9.42 32.41
CA ALA A 130 11.53 -9.31 32.60
C ALA A 130 11.16 -9.10 34.07
N ASN A 131 12.15 -9.11 34.94
CA ASN A 131 11.91 -8.80 36.34
C ASN A 131 11.56 -7.32 36.47
N PHE A 132 10.27 -7.04 36.60
CA PHE A 132 9.82 -5.65 36.68
C PHE A 132 9.48 -5.19 38.11
N ARG A 133 9.84 -5.98 39.12
CA ARG A 133 9.54 -5.60 40.51
C ARG A 133 10.25 -4.32 40.92
N ASN A 134 9.45 -3.33 41.35
CA ASN A 134 9.96 -1.97 41.61
C ASN A 134 10.73 -1.39 40.43
N PHE A 135 10.26 -1.69 39.22
CA PHE A 135 10.82 -1.02 38.06
C PHE A 135 9.87 0.10 37.68
N LYS A 136 10.42 1.25 37.31
CA LYS A 136 9.59 2.36 36.88
C LYS A 136 9.78 2.60 35.38
N PRO A 137 8.69 2.46 34.61
CA PRO A 137 8.69 2.62 33.15
C PRO A 137 9.20 4.01 32.74
N LYS A 138 10.05 4.06 31.73
CA LYS A 138 10.52 5.29 31.13
C LYS A 138 9.83 5.47 29.77
N PRO A 139 9.88 6.68 29.19
CA PRO A 139 9.17 6.87 27.91
C PRO A 139 9.67 5.91 26.81
N PHE A 140 8.77 5.54 25.89
CA PHE A 140 9.10 4.57 24.85
C PHE A 140 8.45 4.94 23.51
N ASN A 141 9.13 4.62 22.43
CA ASN A 141 8.73 5.00 21.09
C ASN A 141 9.20 3.91 20.12
N MET A 142 8.31 3.39 19.27
CA MET A 142 8.65 2.28 18.36
C MET A 142 9.70 2.67 17.32
N LEU A 143 9.66 3.92 16.85
CA LEU A 143 10.62 4.38 15.87
C LEU A 143 12.01 4.40 16.49
N GLU A 144 12.09 4.94 17.70
CA GLU A 144 13.37 4.99 18.40
C GLU A 144 13.84 3.57 18.66
N PHE A 145 12.89 2.70 18.96
CA PHE A 145 13.22 1.30 19.28
C PHE A 145 13.74 0.55 18.04
N TYR A 146 13.08 0.73 16.90
CA TYR A 146 13.57 0.15 15.64
C TYR A 146 14.95 0.71 15.33
N ASP A 147 15.12 2.00 15.49
CA ASP A 147 16.36 2.67 15.11
C ASP A 147 17.56 2.21 15.94
N ARG A 148 17.31 1.89 17.20
CA ARG A 148 18.36 1.50 18.13
C ARG A 148 18.55 -0.01 18.12
N ALA A 149 17.45 -0.75 18.08
CA ALA A 149 17.52 -2.19 18.26
C ALA A 149 17.70 -2.95 16.93
N GLY A 150 17.25 -2.33 15.83
CA GLY A 150 17.35 -2.97 14.52
C GLY A 150 18.79 -3.25 14.12
N HIS A 151 18.99 -4.24 13.25
CA HIS A 151 20.33 -4.60 12.82
C HIS A 151 21.06 -3.41 12.19
N ASP A 152 22.36 -3.37 12.41
CA ASP A 152 23.19 -2.25 12.03
C ASP A 152 23.94 -2.66 10.75
N ILE A 153 23.82 -1.84 9.70
CA ILE A 153 24.53 -2.08 8.44
C ILE A 153 26.04 -2.21 8.70
N ARG A 154 26.52 -1.52 9.74
CA ARG A 154 27.96 -1.52 10.02
C ARG A 154 28.44 -2.85 10.54
N GLU A 155 27.56 -3.61 11.18
CA GLU A 155 27.92 -4.96 11.59
C GLU A 155 27.62 -6.00 10.50
N MET A 156 26.54 -5.82 9.75
CA MET A 156 26.11 -6.84 8.76
C MET A 156 27.00 -6.87 7.51
N LEU A 157 27.42 -5.69 7.05
CA LEU A 157 28.16 -5.57 5.80
C LEU A 157 29.61 -6.00 5.99
N LEU A 158 29.89 -7.27 5.72
CA LEU A 158 31.26 -7.78 5.76
C LEU A 158 32.09 -7.25 4.59
N SER A 159 31.46 -7.08 3.42
CA SER A 159 32.13 -6.44 2.29
C SER A 159 31.16 -6.03 1.19
N CYS A 160 31.58 -5.09 0.37
CA CYS A 160 30.71 -4.51 -0.62
C CYS A 160 31.54 -3.99 -1.76
N PHE A 161 31.21 -4.40 -2.98
CA PHE A 161 31.88 -3.87 -4.16
C PHE A 161 30.87 -3.51 -5.22
N PHE A 162 31.12 -2.41 -5.90
CA PHE A 162 30.36 -2.04 -7.06
C PHE A 162 31.28 -1.66 -8.19
N ARG A 163 31.25 -2.47 -9.25
CA ARG A 163 32.08 -2.23 -10.44
C ARG A 163 33.54 -2.07 -10.07
N GLY A 164 34.05 -2.97 -9.24
CA GLY A 164 35.45 -2.97 -8.89
C GLY A 164 35.79 -2.05 -7.73
N GLU A 165 34.92 -1.07 -7.47
CA GLU A 165 35.17 -0.07 -6.43
C GLU A 165 34.57 -0.49 -5.12
N GLN A 166 35.34 -0.33 -4.05
CA GLN A 166 34.87 -0.73 -2.73
C GLN A 166 33.82 0.24 -2.19
N CYS A 167 32.73 -0.29 -1.64
CA CYS A 167 31.71 0.57 -1.07
C CYS A 167 31.61 0.26 0.42
N SER A 168 30.82 1.04 1.16
CA SER A 168 30.86 0.96 2.62
C SER A 168 29.48 1.25 3.18
N PRO A 169 29.30 1.12 4.52
CA PRO A 169 28.00 1.46 5.14
C PRO A 169 27.52 2.87 4.79
N GLU A 170 28.45 3.76 4.48
CA GLU A 170 28.06 5.12 4.13
C GLU A 170 27.31 5.19 2.81
N ASP A 171 27.34 4.12 2.04
CA ASP A 171 26.71 4.10 0.72
C ASP A 171 25.29 3.56 0.82
N PHE A 172 24.91 3.15 2.02
CA PHE A 172 23.55 2.68 2.25
C PHE A 172 22.76 3.72 3.04
N LYS A 173 21.60 4.09 2.51
CA LYS A 173 20.70 5.00 3.20
C LYS A 173 19.70 4.20 4.04
N VAL A 174 19.52 4.60 5.29
CA VAL A 174 18.50 4.01 6.15
C VAL A 174 17.09 4.31 5.64
N VAL A 175 16.28 3.27 5.50
CA VAL A 175 14.84 3.44 5.20
C VAL A 175 14.04 2.50 6.10
N PHE A 176 13.04 3.03 6.78
CA PHE A 176 12.22 2.21 7.68
C PHE A 176 11.09 1.65 6.85
N THR A 177 10.78 0.38 7.06
CA THR A 177 9.74 -0.30 6.32
C THR A 177 8.95 -1.10 7.34
N ARG A 178 8.02 -1.93 6.87
CA ARG A 178 7.27 -2.76 7.81
C ARG A 178 8.18 -3.75 8.55
N TYR A 179 9.31 -4.12 7.93
CA TYR A 179 10.32 -4.98 8.58
C TYR A 179 11.16 -4.25 9.63
N GLY A 180 11.03 -2.93 9.67
CA GLY A 180 11.82 -2.14 10.59
C GLY A 180 12.94 -1.35 9.90
N LYS A 181 14.16 -1.49 10.42
CA LYS A 181 15.27 -0.67 9.98
C LYS A 181 15.98 -1.34 8.82
N CYS A 182 15.86 -0.75 7.63
CA CYS A 182 16.37 -1.36 6.42
C CYS A 182 17.34 -0.44 5.70
N TYR A 183 17.98 -0.94 4.65
CA TYR A 183 19.05 -0.20 4.00
C TYR A 183 18.92 -0.19 2.48
N THR A 184 19.13 0.98 1.89
CA THR A 184 19.03 1.09 0.46
C THR A 184 20.37 1.47 -0.16
N PHE A 185 20.89 0.62 -1.06
CA PHE A 185 22.11 0.94 -1.79
C PHE A 185 21.70 1.78 -2.97
N ASN A 186 22.52 2.77 -3.30
CA ASN A 186 22.30 3.59 -4.50
C ASN A 186 20.94 4.24 -4.51
N ALA A 187 20.55 4.80 -3.36
CA ALA A 187 19.25 5.47 -3.24
C ALA A 187 19.13 6.72 -4.11
N GLY A 188 20.24 7.35 -4.44
CA GLY A 188 20.21 8.53 -5.28
C GLY A 188 19.42 9.66 -4.63
N GLN A 189 19.55 9.76 -3.31
CA GLN A 189 18.88 10.80 -2.56
C GLN A 189 19.92 11.71 -1.90
N ASP A 190 19.48 12.84 -1.37
CA ASP A 190 20.36 13.76 -0.67
C ASP A 190 21.50 14.22 -1.58
N GLY A 191 21.20 14.34 -2.86
CA GLY A 191 22.16 14.85 -3.83
C GLY A 191 23.26 13.87 -4.23
N LYS A 192 23.19 12.63 -3.76
CA LYS A 192 24.14 11.63 -4.25
C LYS A 192 23.71 11.24 -5.67
N PRO A 193 24.65 11.26 -6.63
CA PRO A 193 24.30 10.89 -8.01
C PRO A 193 23.98 9.39 -8.15
N ARG A 194 23.13 9.08 -9.10
CA ARG A 194 22.75 7.69 -9.37
C ARG A 194 23.89 6.95 -10.08
N LEU A 195 24.26 5.78 -9.56
CA LEU A 195 25.32 4.96 -10.16
C LEU A 195 24.92 4.36 -11.53
N ILE A 196 25.92 4.00 -12.34
CA ILE A 196 25.63 3.50 -13.68
C ILE A 196 26.38 2.21 -14.07
N THR A 197 25.78 1.40 -14.94
CA THR A 197 26.39 0.17 -15.43
C THR A 197 26.64 0.40 -16.92
N MET A 198 27.73 -0.16 -17.45
CA MET A 198 28.04 -0.01 -18.87
C MET A 198 28.32 -1.33 -19.61
N LYS A 199 28.28 -2.46 -18.90
CA LYS A 199 28.38 -3.79 -19.55
C LYS A 199 27.50 -4.82 -18.87
N GLY A 200 27.17 -5.87 -19.60
CA GLY A 200 26.43 -6.97 -19.03
C GLY A 200 27.31 -7.75 -18.08
N GLY A 201 26.69 -8.47 -17.17
CA GLY A 201 27.41 -9.48 -16.43
C GLY A 201 27.86 -9.01 -15.06
N THR A 202 28.37 -9.96 -14.30
CA THR A 202 28.56 -9.81 -12.88
C THR A 202 29.57 -8.71 -12.49
N GLY A 203 30.63 -8.53 -13.28
CA GLY A 203 31.68 -7.59 -12.94
C GLY A 203 31.20 -6.18 -12.90
N ASN A 204 30.02 -5.96 -13.46
CA ASN A 204 29.56 -4.58 -13.70
C ASN A 204 28.35 -4.24 -12.83
N GLY A 205 28.12 -5.07 -11.81
CA GLY A 205 27.07 -4.84 -10.84
C GLY A 205 27.58 -4.77 -9.42
N LEU A 206 26.70 -5.13 -8.49
CA LEU A 206 26.95 -5.01 -7.07
C LEU A 206 27.26 -6.39 -6.49
N GLU A 207 28.22 -6.46 -5.55
CA GLU A 207 28.36 -7.67 -4.76
C GLU A 207 28.53 -7.35 -3.29
N ILE A 208 27.66 -7.89 -2.44
CA ILE A 208 27.77 -7.68 -1.02
C ILE A 208 27.90 -9.00 -0.29
N MET A 209 28.72 -9.00 0.76
CA MET A 209 28.74 -10.10 1.72
C MET A 209 28.12 -9.61 3.02
N LEU A 210 27.18 -10.39 3.54
CA LEU A 210 26.48 -10.00 4.77
C LEU A 210 26.54 -11.07 5.83
N ASP A 211 26.53 -10.62 7.09
CA ASP A 211 26.35 -11.51 8.25
C ASP A 211 24.96 -11.21 8.79
N ILE A 212 24.05 -12.19 8.75
CA ILE A 212 22.67 -11.91 9.14
C ILE A 212 22.51 -12.00 10.67
N GLN A 213 23.55 -12.50 11.34
CA GLN A 213 23.61 -12.46 12.80
C GLN A 213 22.51 -13.24 13.50
N GLN A 214 22.47 -14.55 13.31
CA GLN A 214 21.40 -15.35 13.94
C GLN A 214 21.50 -15.41 15.46
N ASP A 215 22.69 -15.24 16.00
CA ASP A 215 22.83 -15.20 17.46
C ASP A 215 22.18 -13.95 18.04
N GLU A 216 21.78 -13.05 17.17
CA GLU A 216 21.19 -11.80 17.58
C GLU A 216 19.68 -11.86 17.33
N TYR A 217 19.19 -12.98 16.79
CA TYR A 217 17.76 -13.12 16.50
C TYR A 217 16.94 -13.18 17.80
N LEU A 218 15.78 -12.54 17.78
CA LEU A 218 14.88 -12.56 18.91
C LEU A 218 14.30 -13.96 19.01
N PRO A 219 14.31 -14.57 20.22
CA PRO A 219 13.63 -15.84 20.41
C PRO A 219 12.18 -15.76 19.98
N VAL A 220 11.72 -16.81 19.33
CA VAL A 220 10.34 -16.84 18.85
C VAL A 220 9.53 -17.69 19.81
N TRP A 221 8.64 -17.06 20.56
CA TRP A 221 7.85 -17.79 21.54
C TRP A 221 6.37 -17.84 21.20
N GLY A 222 5.99 -17.15 20.13
CA GLY A 222 4.60 -17.09 19.69
C GLY A 222 4.56 -16.59 18.27
N GLU A 223 3.38 -16.22 17.79
CA GLU A 223 3.25 -15.71 16.43
C GLU A 223 2.66 -14.31 16.41
N THR A 224 3.41 -13.37 15.85
CA THR A 224 2.98 -11.98 15.71
C THR A 224 3.46 -11.50 14.34
N ASP A 225 3.01 -10.33 13.92
CA ASP A 225 3.43 -9.78 12.65
C ASP A 225 4.89 -9.35 12.65
N GLU A 226 5.49 -9.26 13.83
CA GLU A 226 6.85 -8.77 13.94
C GLU A 226 7.89 -9.89 14.03
N THR A 227 7.42 -11.13 14.21
CA THR A 227 8.32 -12.27 14.33
C THR A 227 8.31 -13.10 13.04
N SER A 228 9.38 -13.84 12.80
CA SER A 228 9.39 -14.74 11.66
C SER A 228 10.00 -16.09 12.03
N PHE A 229 9.61 -17.11 11.28
CA PHE A 229 10.16 -18.44 11.41
C PHE A 229 11.43 -18.55 10.59
N GLU A 230 11.72 -17.54 9.77
CA GLU A 230 12.78 -17.60 8.76
C GLU A 230 14.05 -16.82 9.11
N ALA A 231 15.19 -17.29 8.60
CA ALA A 231 16.47 -16.60 8.75
C ALA A 231 16.95 -16.19 7.36
N GLY A 232 17.36 -14.94 7.23
CA GLY A 232 17.86 -14.46 5.94
C GLY A 232 17.57 -12.99 5.78
N ILE A 233 17.54 -12.52 4.53
CA ILE A 233 17.13 -11.16 4.20
C ILE A 233 16.04 -11.13 3.11
N LYS A 234 15.30 -10.02 3.06
CA LYS A 234 14.36 -9.75 2.00
C LYS A 234 14.99 -8.61 1.19
N VAL A 235 14.84 -8.65 -0.13
CA VAL A 235 15.46 -7.65 -0.99
C VAL A 235 14.47 -7.12 -2.01
N GLN A 236 14.54 -5.83 -2.33
CA GLN A 236 13.77 -5.28 -3.43
C GLN A 236 14.67 -4.46 -4.34
N ILE A 237 14.60 -4.74 -5.63
CA ILE A 237 15.36 -3.97 -6.62
C ILE A 237 14.34 -3.06 -7.25
N HIS A 238 14.57 -1.75 -7.18
CA HIS A 238 13.56 -0.80 -7.66
C HIS A 238 14.15 0.53 -8.14
N SER A 239 13.37 1.25 -8.94
CA SER A 239 13.74 2.58 -9.38
C SER A 239 13.94 3.50 -8.18
N GLN A 240 14.82 4.49 -8.31
CA GLN A 240 15.03 5.46 -7.23
C GLN A 240 13.80 6.34 -7.03
N ASP A 241 12.96 6.42 -8.07
CA ASP A 241 11.76 7.25 -8.03
C ASP A 241 10.59 6.53 -7.38
N GLU A 242 10.81 5.34 -6.84
CA GLU A 242 9.75 4.65 -6.13
C GLU A 242 10.26 4.10 -4.81
N PRO A 243 9.47 4.28 -3.75
CA PRO A 243 9.88 3.75 -2.45
C PRO A 243 9.78 2.23 -2.47
N PRO A 244 10.49 1.54 -1.60
CA PRO A 244 10.27 0.09 -1.52
C PRO A 244 8.90 -0.24 -0.94
N LEU A 245 8.40 -1.43 -1.26
CA LEU A 245 7.27 -2.05 -0.57
C LEU A 245 7.70 -3.49 -0.31
N ILE A 246 8.77 -3.62 0.46
CA ILE A 246 9.57 -4.83 0.51
C ILE A 246 8.85 -6.03 1.13
N ASP A 247 7.91 -5.80 2.03
CA ASP A 247 7.17 -6.95 2.58
C ASP A 247 6.28 -7.59 1.51
N GLN A 248 5.79 -6.76 0.59
CA GLN A 248 4.90 -7.26 -0.46
C GLN A 248 5.62 -7.67 -1.74
N LEU A 249 6.63 -6.90 -2.15
CA LEU A 249 7.20 -7.05 -3.49
C LEU A 249 8.65 -7.45 -3.52
N GLY A 250 9.25 -7.70 -2.36
CA GLY A 250 10.62 -8.17 -2.35
C GLY A 250 10.84 -9.62 -2.77
N PHE A 251 12.10 -10.04 -2.77
CA PHE A 251 12.44 -11.45 -2.98
C PHE A 251 13.35 -11.86 -1.85
N GLY A 252 13.46 -13.16 -1.60
CA GLY A 252 14.26 -13.62 -0.48
C GLY A 252 15.68 -13.96 -0.87
N VAL A 253 16.60 -13.88 0.09
CA VAL A 253 17.96 -14.35 -0.11
C VAL A 253 18.38 -15.12 1.14
N ALA A 254 18.93 -16.31 0.95
CA ALA A 254 19.17 -17.19 2.08
C ALA A 254 20.64 -17.17 2.56
N PRO A 255 20.86 -17.30 3.87
CA PRO A 255 22.23 -17.48 4.38
C PRO A 255 22.79 -18.83 3.90
N GLY A 256 24.11 -18.90 3.76
CA GLY A 256 24.71 -20.16 3.36
C GLY A 256 24.81 -20.26 1.85
N PHE A 257 24.58 -19.16 1.13
CA PHE A 257 24.69 -19.21 -0.33
C PHE A 257 25.22 -17.93 -0.88
N GLN A 258 25.86 -18.03 -2.04
CA GLN A 258 26.05 -16.86 -2.88
C GLN A 258 24.90 -16.87 -3.90
N THR A 259 24.13 -15.78 -3.95
CA THR A 259 22.97 -15.71 -4.83
C THR A 259 23.22 -14.73 -5.97
N PHE A 260 23.01 -15.19 -7.20
CA PHE A 260 23.17 -14.33 -8.37
C PHE A 260 21.79 -13.93 -8.88
N VAL A 261 21.63 -12.64 -9.14
CA VAL A 261 20.39 -12.06 -9.60
C VAL A 261 20.71 -11.31 -10.87
N SER A 262 20.40 -11.92 -12.01
CA SER A 262 20.67 -11.35 -13.33
C SER A 262 19.43 -10.59 -13.78
N CYS A 263 19.57 -9.31 -14.07
CA CYS A 263 18.42 -8.43 -14.28
C CYS A 263 18.25 -7.99 -15.72
N GLN A 264 16.98 -7.76 -16.11
CA GLN A 264 16.61 -7.15 -17.38
C GLN A 264 15.68 -5.96 -17.15
N GLU A 265 16.07 -4.79 -17.63
CA GLU A 265 15.23 -3.60 -17.48
C GLU A 265 14.15 -3.53 -18.56
N GLN A 266 12.94 -3.22 -18.13
CA GLN A 266 11.82 -3.08 -19.06
C GLN A 266 11.14 -1.76 -18.70
N ARG A 267 10.92 -0.89 -19.69
CA ARG A 267 10.25 0.40 -19.46
C ARG A 267 8.86 0.43 -20.07
N LEU A 268 7.86 0.68 -19.24
CA LEU A 268 6.48 0.72 -19.70
C LEU A 268 5.93 2.16 -19.71
N ILE A 269 5.43 2.57 -20.87
CA ILE A 269 4.93 3.92 -21.03
C ILE A 269 3.45 3.91 -21.38
N TYR A 270 2.69 4.70 -20.64
CA TYR A 270 1.26 4.78 -20.84
C TYR A 270 0.85 6.19 -21.23
N LEU A 271 -0.31 6.32 -21.85
CA LEU A 271 -0.84 7.63 -22.19
C LEU A 271 -1.79 8.18 -21.12
N PRO A 272 -1.72 9.50 -20.87
CA PRO A 272 -2.66 10.14 -19.96
C PRO A 272 -3.98 10.38 -20.71
N PRO A 273 -5.01 10.88 -20.03
CA PRO A 273 -6.25 11.20 -20.77
C PRO A 273 -6.04 12.29 -21.82
N PRO A 274 -6.87 12.30 -22.88
CA PRO A 274 -8.03 11.43 -23.08
C PRO A 274 -7.70 10.03 -23.64
N TRP A 275 -6.49 9.83 -24.18
CA TRP A 275 -6.15 8.52 -24.76
C TRP A 275 -6.14 7.39 -23.73
N GLY A 276 -5.43 7.61 -22.62
CA GLY A 276 -5.32 6.59 -21.59
C GLY A 276 -5.69 7.13 -20.22
N ASP A 277 -5.43 6.36 -19.17
CA ASP A 277 -5.85 6.78 -17.84
C ASP A 277 -4.68 6.81 -16.86
N CYS A 278 -3.48 6.99 -17.37
CA CYS A 278 -2.29 7.04 -16.53
C CYS A 278 -2.16 8.40 -15.82
N LYS A 279 -1.57 8.38 -14.65
CA LYS A 279 -1.46 9.56 -13.79
C LYS A 279 0.01 10.01 -13.80
N ALA A 280 0.25 11.25 -14.20
CA ALA A 280 1.62 11.76 -14.30
C ALA A 280 2.28 11.98 -12.94
N THR A 281 1.85 13.00 -12.22
CA THR A 281 2.39 13.32 -10.91
C THR A 281 1.28 13.37 -9.87
N THR A 282 1.66 13.48 -8.61
CA THR A 282 0.66 13.71 -7.56
C THR A 282 0.96 14.99 -6.79
N GLY A 283 0.01 15.92 -6.83
CA GLY A 283 0.18 17.23 -6.22
C GLY A 283 -0.51 17.30 -4.88
N GLU A 286 0.02 12.33 -2.42
CA GLU A 286 0.49 13.61 -1.89
C GLU A 286 1.86 13.47 -1.20
N PHE A 287 2.04 12.39 -0.44
CA PHE A 287 3.27 12.18 0.38
C PHE A 287 4.55 12.05 -0.44
N TYR A 288 4.41 11.56 -1.68
CA TYR A 288 5.57 11.36 -2.55
C TYR A 288 5.44 12.22 -3.80
N ASP A 289 6.56 12.69 -4.34
CA ASP A 289 6.50 13.70 -5.39
C ASP A 289 6.73 13.18 -6.81
N THR A 290 7.04 11.88 -6.91
CA THR A 290 6.91 11.16 -8.17
C THR A 290 5.82 10.11 -7.92
N TYR A 291 4.97 9.88 -8.91
CA TYR A 291 3.90 8.92 -8.72
C TYR A 291 4.30 7.50 -9.13
N SER A 292 3.95 6.53 -8.30
CA SER A 292 4.15 5.12 -8.62
C SER A 292 3.08 4.36 -7.88
N ILE A 293 2.84 3.11 -8.27
CA ILE A 293 1.88 2.27 -7.57
C ILE A 293 2.21 2.22 -6.06
N THR A 294 3.48 2.03 -5.75
CA THR A 294 3.91 1.91 -4.37
C THR A 294 3.66 3.19 -3.57
N ALA A 295 3.97 4.35 -4.14
CA ALA A 295 3.67 5.63 -3.51
C ALA A 295 2.17 5.71 -3.20
N CYS A 296 1.34 5.34 -4.17
CA CYS A 296 -0.08 5.28 -3.99
C CYS A 296 -0.45 4.38 -2.82
N ARG A 297 0.09 3.16 -2.80
CA ARG A 297 -0.29 2.21 -1.76
C ARG A 297 0.16 2.69 -0.38
N ILE A 298 1.34 3.28 -0.29
CA ILE A 298 1.80 3.78 1.00
C ILE A 298 0.92 4.95 1.49
N ASP A 299 0.51 5.85 0.59
CA ASP A 299 -0.49 6.89 0.93
C ASP A 299 -1.73 6.26 1.51
N CYS A 300 -2.31 5.31 0.79
CA CYS A 300 -3.57 4.68 1.24
C CYS A 300 -3.43 4.07 2.60
N GLU A 301 -2.35 3.31 2.77
CA GLU A 301 -2.11 2.60 4.02
C GLU A 301 -2.02 3.60 5.16
N THR A 302 -1.31 4.70 4.92
CA THR A 302 -1.17 5.72 5.95
C THR A 302 -2.53 6.33 6.30
N ARG A 303 -3.29 6.73 5.28
CA ARG A 303 -4.61 7.32 5.52
C ARG A 303 -5.47 6.31 6.25
N TYR A 304 -5.33 5.05 5.91
CA TYR A 304 -6.16 4.01 6.51
C TYR A 304 -5.84 3.78 7.98
N LEU A 305 -4.56 3.87 8.33
CA LEU A 305 -4.17 3.66 9.71
C LEU A 305 -4.59 4.84 10.58
N VAL A 306 -4.34 6.05 10.09
CA VAL A 306 -4.76 7.27 10.80
C VAL A 306 -6.28 7.28 11.00
N GLU A 307 -7.01 7.03 9.93
CA GLU A 307 -8.47 6.93 10.00
C GLU A 307 -9.00 5.85 10.95
N ASN A 308 -8.36 4.68 11.03
CA ASN A 308 -8.91 3.59 11.84
C ASN A 308 -8.23 3.33 13.18
N CYS A 309 -7.08 3.95 13.37
CA CYS A 309 -6.29 3.69 14.55
C CYS A 309 -5.80 4.98 15.20
N ASN A 310 -5.99 6.11 14.51
CA ASN A 310 -5.55 7.42 15.02
C ASN A 310 -4.04 7.52 15.21
N CYS A 311 -3.34 6.64 14.52
CA CYS A 311 -1.89 6.61 14.57
C CYS A 311 -1.30 6.01 13.27
N ARG A 312 -0.04 6.28 13.01
CA ARG A 312 0.62 5.71 11.85
C ARG A 312 1.67 4.77 12.37
N MET A 313 2.07 3.81 11.53
CA MET A 313 3.21 2.98 11.88
C MET A 313 4.47 3.83 11.61
N VAL A 314 5.56 3.50 12.30
CA VAL A 314 6.71 4.38 12.32
C VAL A 314 7.43 4.52 10.98
N HIS A 315 7.14 3.63 10.04
CA HIS A 315 7.76 3.77 8.72
C HIS A 315 6.93 4.62 7.75
N MET A 316 5.71 4.99 8.13
CA MET A 316 4.82 5.73 7.23
C MET A 316 5.07 7.24 7.35
N PRO A 317 4.82 7.99 6.27
CA PRO A 317 5.01 9.45 6.27
C PRO A 317 3.86 10.19 6.96
N GLY A 318 3.89 11.52 6.93
CA GLY A 318 2.86 12.31 7.57
C GLY A 318 3.18 12.87 8.95
N ASP A 319 2.12 13.32 9.63
CA ASP A 319 2.18 14.06 10.90
C ASP A 319 1.63 13.30 12.08
N ALA A 320 0.76 12.34 11.83
CA ALA A 320 0.03 11.65 12.89
C ALA A 320 0.96 11.06 13.95
N PRO A 321 0.45 10.87 15.17
CA PRO A 321 1.32 10.23 16.16
C PRO A 321 1.70 8.80 15.75
N TYR A 322 2.81 8.30 16.30
CA TYR A 322 3.24 6.93 16.11
C TYR A 322 2.43 6.01 17.00
N CYS A 323 1.96 4.91 16.44
CA CYS A 323 1.27 3.88 17.23
C CYS A 323 2.16 3.39 18.36
N THR A 324 1.55 3.13 19.50
CA THR A 324 2.24 2.54 20.64
C THR A 324 2.33 1.05 20.37
N PRO A 325 3.13 0.32 21.17
CA PRO A 325 3.13 -1.13 20.89
C PRO A 325 1.73 -1.73 21.05
N GLU A 326 0.94 -1.24 22.01
CA GLU A 326 -0.39 -1.79 22.19
C GLU A 326 -1.26 -1.51 20.97
N GLN A 327 -1.12 -0.32 20.42
CA GLN A 327 -1.79 0.05 19.18
C GLN A 327 -1.35 -0.80 17.97
N TYR A 328 -0.06 -1.11 17.87
CA TYR A 328 0.41 -2.04 16.84
C TYR A 328 -0.36 -3.33 16.97
N LYS A 329 -0.40 -3.86 18.19
CA LYS A 329 -0.99 -5.16 18.42
C LYS A 329 -2.51 -5.20 18.24
N GLU A 330 -3.19 -4.13 18.66
CA GLU A 330 -4.64 -4.16 18.75
C GLU A 330 -5.31 -3.64 17.51
N CYS A 331 -4.65 -2.71 16.84
CA CYS A 331 -5.29 -1.97 15.78
C CYS A 331 -4.47 -1.89 14.49
N ALA A 332 -3.20 -1.48 14.60
CA ALA A 332 -2.40 -1.19 13.40
C ALA A 332 -1.99 -2.44 12.60
N ASP A 333 -1.50 -3.47 13.28
CA ASP A 333 -1.17 -4.71 12.59
C ASP A 333 -2.42 -5.35 11.92
N PRO A 334 -3.51 -5.57 12.67
CA PRO A 334 -4.70 -6.10 12.00
C PRO A 334 -5.24 -5.22 10.86
N ALA A 335 -5.35 -3.92 11.08
CA ALA A 335 -5.83 -3.00 10.03
C ALA A 335 -5.01 -3.06 8.74
N LEU A 336 -3.69 -3.07 8.87
CA LEU A 336 -2.80 -3.14 7.71
C LEU A 336 -2.90 -4.51 7.06
N ASP A 337 -2.94 -5.57 7.88
CA ASP A 337 -3.09 -6.92 7.35
C ASP A 337 -4.40 -6.99 6.56
N PHE A 338 -5.47 -6.46 7.14
CA PHE A 338 -6.77 -6.47 6.48
C PHE A 338 -6.72 -5.74 5.16
N LEU A 339 -6.23 -4.51 5.21
CA LEU A 339 -6.19 -3.64 4.04
C LEU A 339 -5.42 -4.30 2.90
N VAL A 340 -4.24 -4.83 3.19
CA VAL A 340 -3.46 -5.53 2.19
C VAL A 340 -4.22 -6.78 1.70
N GLU A 341 -4.34 -7.76 2.58
CA GLU A 341 -4.84 -9.08 2.23
C GLU A 341 -6.29 -9.15 1.75
N LYS A 342 -7.16 -8.36 2.36
CA LYS A 342 -8.58 -8.65 2.27
C LYS A 342 -9.44 -7.56 1.66
N ASP A 343 -9.11 -6.29 1.90
CA ASP A 343 -9.91 -5.20 1.35
C ASP A 343 -9.83 -5.20 -0.18
N ASN A 344 -10.96 -4.92 -0.81
CA ASN A 344 -11.00 -4.94 -2.27
C ASN A 344 -11.32 -3.59 -2.87
N GLU A 345 -11.68 -2.61 -2.05
CA GLU A 345 -12.00 -1.30 -2.62
C GLU A 345 -11.28 -0.10 -2.04
N TYR A 346 -10.80 -0.18 -0.80
CA TYR A 346 -10.24 1.02 -0.17
C TYR A 346 -9.17 1.66 -1.05
N CYS A 347 -8.24 0.85 -1.54
CA CYS A 347 -7.15 1.37 -2.37
C CYS A 347 -7.28 0.70 -3.73
N VAL A 348 -7.42 1.51 -4.77
CA VAL A 348 -7.31 1.05 -6.15
C VAL A 348 -6.52 2.15 -6.83
N CYS A 349 -5.25 1.89 -7.14
CA CYS A 349 -4.34 2.93 -7.61
C CYS A 349 -4.41 3.16 -9.12
N GLU A 350 -4.43 4.42 -9.52
CA GLU A 350 -4.38 4.80 -10.93
C GLU A 350 -3.03 4.40 -11.51
N MET A 351 -3.03 3.82 -12.70
CA MET A 351 -1.79 3.42 -13.35
C MET A 351 -0.88 4.62 -13.54
N PRO A 352 0.42 4.44 -13.30
CA PRO A 352 1.37 5.54 -13.54
C PRO A 352 1.76 5.62 -15.01
N CYS A 353 2.20 6.78 -15.48
CA CYS A 353 2.50 6.96 -16.89
C CYS A 353 3.85 6.33 -17.23
N ASN A 354 4.72 6.26 -16.24
CA ASN A 354 6.05 5.65 -16.40
C ASN A 354 6.27 4.54 -15.39
N VAL A 355 6.57 3.34 -15.87
CA VAL A 355 6.89 2.23 -14.98
C VAL A 355 8.18 1.57 -15.43
N THR A 356 9.16 1.51 -14.54
CA THR A 356 10.37 0.72 -14.77
C THR A 356 10.27 -0.57 -13.97
N ARG A 357 10.47 -1.69 -14.66
CA ARG A 357 10.34 -3.00 -14.06
C ARG A 357 11.62 -3.81 -14.31
N TYR A 358 11.97 -4.70 -13.39
CA TYR A 358 13.19 -5.47 -13.55
C TYR A 358 12.90 -6.96 -13.55
N GLY A 359 13.00 -7.59 -14.72
CA GLY A 359 12.97 -9.05 -14.80
C GLY A 359 14.24 -9.58 -14.17
N LYS A 360 14.12 -10.70 -13.45
CA LYS A 360 15.19 -11.21 -12.60
C LYS A 360 15.35 -12.72 -12.74
N GLU A 361 16.58 -13.18 -12.90
CA GLU A 361 16.84 -14.63 -12.87
C GLU A 361 17.80 -14.95 -11.73
N LEU A 362 17.31 -15.69 -10.73
CA LEU A 362 18.12 -16.02 -9.56
C LEU A 362 18.75 -17.40 -9.66
N SER A 363 19.92 -17.56 -9.04
CA SER A 363 20.57 -18.85 -8.95
C SER A 363 21.53 -18.77 -7.77
N MET A 364 22.04 -19.91 -7.33
CA MET A 364 22.74 -19.99 -6.05
C MET A 364 23.88 -20.96 -6.12
N VAL A 365 24.97 -20.66 -5.41
CA VAL A 365 25.96 -21.69 -5.09
C VAL A 365 26.17 -21.64 -3.59
N LYS A 366 26.87 -22.64 -3.05
CA LYS A 366 27.07 -22.75 -1.60
C LYS A 366 28.21 -21.91 -1.05
N ILE A 367 28.02 -21.33 0.13
CA ILE A 367 29.11 -20.71 0.87
C ILE A 367 28.95 -21.05 2.34
N PRO A 368 30.04 -21.43 3.04
CA PRO A 368 31.41 -21.59 2.51
C PRO A 368 31.66 -23.00 1.98
N SER A 369 32.62 -23.16 1.07
CA SER A 369 33.17 -24.50 0.79
C SER A 369 33.90 -24.99 2.04
N LYS A 370 34.18 -26.28 2.11
CA LYS A 370 34.96 -26.80 3.22
C LYS A 370 36.33 -26.14 3.25
N ALA A 371 36.88 -25.91 2.06
CA ALA A 371 38.21 -25.32 1.94
C ALA A 371 38.30 -23.85 2.30
N SER A 372 37.17 -23.19 2.50
CA SER A 372 37.22 -21.74 2.75
C SER A 372 36.62 -21.35 4.10
N ALA A 373 35.92 -22.30 4.71
CA ALA A 373 35.26 -22.07 5.99
C ALA A 373 36.25 -21.56 7.06
N LYS A 374 37.36 -22.27 7.26
CA LYS A 374 38.36 -21.84 8.23
C LYS A 374 38.90 -20.45 7.92
N TYR A 375 39.20 -20.16 6.67
CA TYR A 375 39.64 -18.82 6.32
C TYR A 375 38.61 -17.75 6.71
N LEU A 376 37.34 -17.96 6.35
CA LEU A 376 36.30 -16.99 6.68
C LEU A 376 36.08 -16.89 8.19
N ALA A 377 36.16 -18.03 8.88
CA ALA A 377 36.02 -18.05 10.33
C ALA A 377 37.09 -17.17 10.99
N LYS A 378 38.33 -17.32 10.53
CA LYS A 378 39.43 -16.56 11.09
C LYS A 378 39.33 -15.08 10.76
N LYS A 379 38.96 -14.78 9.52
CA LYS A 379 38.89 -13.40 9.05
C LYS A 379 37.86 -12.57 9.83
N TYR A 380 36.78 -13.21 10.26
CA TYR A 380 35.70 -12.49 10.92
C TYR A 380 35.52 -12.89 12.36
N ASN A 381 36.45 -13.70 12.84
CA ASN A 381 36.49 -14.05 14.26
C ASN A 381 35.22 -14.80 14.68
N LYS A 382 34.84 -15.80 13.90
CA LYS A 382 33.66 -16.60 14.23
C LYS A 382 34.05 -18.05 14.07
N SER A 383 33.23 -18.95 14.59
CA SER A 383 33.40 -20.37 14.33
C SER A 383 32.93 -20.69 12.91
N GLU A 384 33.30 -21.88 12.44
CA GLU A 384 32.95 -22.32 11.09
C GLU A 384 31.46 -22.61 10.95
N GLN A 385 30.87 -23.10 12.04
CA GLN A 385 29.44 -23.33 12.08
C GLN A 385 28.70 -22.01 11.91
N TYR A 386 29.20 -20.97 12.57
CA TYR A 386 28.59 -19.66 12.48
C TYR A 386 28.62 -19.16 11.04
N ILE A 387 29.77 -19.30 10.40
CA ILE A 387 29.93 -18.79 9.06
C ILE A 387 28.90 -19.47 8.18
N GLY A 388 28.77 -20.78 8.39
CA GLY A 388 27.86 -21.61 7.62
C GLY A 388 26.39 -21.27 7.79
N GLU A 389 26.04 -20.61 8.89
CA GLU A 389 24.64 -20.33 9.22
C GLU A 389 24.26 -18.88 9.00
N ASN A 390 25.27 -18.02 8.81
CA ASN A 390 25.05 -16.58 8.86
C ASN A 390 25.52 -15.81 7.63
N ILE A 391 26.51 -16.36 6.92
CA ILE A 391 27.14 -15.60 5.85
C ILE A 391 26.38 -15.86 4.55
N LEU A 392 26.19 -14.81 3.75
CA LEU A 392 25.66 -14.92 2.40
C LEU A 392 26.36 -13.87 1.54
N VAL A 393 26.39 -14.11 0.23
CA VAL A 393 26.90 -13.15 -0.74
C VAL A 393 25.83 -12.91 -1.78
N LEU A 394 25.67 -11.66 -2.21
CA LEU A 394 24.58 -11.29 -3.09
C LEU A 394 25.15 -10.48 -4.25
N ASP A 395 24.92 -10.96 -5.47
CA ASP A 395 25.39 -10.30 -6.68
C ASP A 395 24.19 -9.84 -7.51
N ILE A 396 24.05 -8.53 -7.70
CA ILE A 396 22.99 -8.00 -8.55
C ILE A 396 23.59 -7.24 -9.74
N PHE A 397 23.21 -7.61 -10.96
CA PHE A 397 23.87 -7.11 -12.16
C PHE A 397 22.90 -7.29 -13.30
N PHE A 398 23.20 -6.66 -14.43
CA PHE A 398 22.36 -6.76 -15.62
C PHE A 398 22.92 -7.78 -16.58
N GLU A 399 22.02 -8.51 -17.21
CA GLU A 399 22.38 -9.50 -18.22
C GLU A 399 23.05 -8.81 -19.41
N ALA A 400 22.40 -7.76 -19.88
CA ALA A 400 22.83 -7.03 -21.07
C ALA A 400 22.34 -5.58 -20.91
N LEU A 401 22.95 -4.66 -21.64
CA LEU A 401 22.66 -3.25 -21.43
C LEU A 401 21.32 -2.82 -22.03
N ASN A 402 20.98 -3.35 -23.19
CA ASN A 402 19.72 -2.99 -23.82
C ASN A 402 18.51 -3.23 -22.91
N TYR A 403 17.58 -2.28 -22.94
CA TYR A 403 16.33 -2.42 -22.21
C TYR A 403 15.17 -2.48 -23.19
N GLU A 404 14.11 -3.13 -22.76
CA GLU A 404 12.93 -3.24 -23.59
C GLU A 404 11.94 -2.13 -23.24
N THR A 405 11.30 -1.55 -24.25
CA THR A 405 10.28 -0.54 -23.99
C THR A 405 8.99 -1.01 -24.59
N ILE A 406 7.91 -0.72 -23.88
CA ILE A 406 6.58 -1.07 -24.33
C ILE A 406 5.75 0.17 -24.14
N GLU A 407 5.23 0.72 -25.23
CA GLU A 407 4.65 2.07 -25.18
C GLU A 407 3.28 2.18 -25.85
N GLN A 408 2.34 2.81 -25.16
CA GLN A 408 1.08 3.19 -25.80
C GLN A 408 1.30 4.42 -26.66
N LYS A 409 0.95 4.30 -27.94
CA LYS A 409 1.01 5.42 -28.87
C LYS A 409 -0.39 5.82 -29.31
N LYS A 410 -0.61 7.11 -29.49
CA LYS A 410 -1.84 7.63 -30.07
C LYS A 410 -1.99 7.05 -31.47
N ALA A 411 -3.14 6.43 -31.75
CA ALA A 411 -3.31 5.62 -32.96
C ALA A 411 -3.90 6.37 -34.17
N TYR A 412 -4.47 7.55 -33.94
CA TYR A 412 -5.18 8.27 -34.98
C TYR A 412 -5.21 9.76 -34.68
N GLU A 413 -4.11 10.46 -34.96
CA GLU A 413 -4.04 11.89 -34.69
C GLU A 413 -4.70 12.72 -35.80
N VAL A 414 -4.75 14.05 -35.60
CA VAL A 414 -5.38 14.96 -36.54
C VAL A 414 -4.89 14.78 -37.98
N ALA A 415 -3.58 14.79 -38.16
CA ALA A 415 -2.99 14.57 -39.48
C ALA A 415 -3.53 13.30 -40.14
N GLY A 416 -3.73 12.26 -39.34
CA GLY A 416 -4.22 11.00 -39.87
C GLY A 416 -5.70 11.04 -40.21
N LEU A 417 -6.46 11.83 -39.47
CA LEU A 417 -7.91 11.96 -39.69
C LEU A 417 -8.21 12.72 -40.97
N LEU A 418 -7.57 13.88 -41.14
CA LEU A 418 -7.75 14.72 -42.32
C LEU A 418 -7.36 13.99 -43.60
N GLY A 419 -6.14 13.47 -43.64
CA GLY A 419 -5.62 12.81 -44.83
C GLY A 419 -6.42 11.58 -45.22
N ASP A 420 -7.24 11.13 -44.29
CA ASP A 420 -8.07 9.95 -44.48
C ASP A 420 -9.40 10.42 -45.06
N ILE A 421 -9.89 11.55 -44.55
CA ILE A 421 -11.11 12.15 -45.07
C ILE A 421 -10.93 12.54 -46.54
N GLY A 422 -9.85 13.25 -46.83
CA GLY A 422 -9.55 13.67 -48.19
C GLY A 422 -9.17 12.53 -49.12
N GLY A 423 -8.87 11.36 -48.56
CA GLY A 423 -8.59 10.19 -49.35
C GLY A 423 -9.88 9.49 -49.72
N GLN A 424 -10.87 9.63 -48.84
CA GLN A 424 -12.19 9.06 -49.07
C GLN A 424 -12.99 9.92 -50.05
N MET A 425 -12.68 11.22 -50.07
CA MET A 425 -13.23 12.12 -51.08
C MET A 425 -12.91 11.61 -52.48
N GLY A 426 -11.63 11.44 -52.76
CA GLY A 426 -11.18 10.93 -54.05
C GLY A 426 -11.74 9.57 -54.41
N LEU A 427 -12.16 8.82 -53.40
CA LEU A 427 -12.71 7.49 -53.60
C LEU A 427 -14.19 7.54 -53.96
N PHE A 428 -14.90 8.50 -53.39
CA PHE A 428 -16.35 8.57 -53.56
C PHE A 428 -16.78 9.53 -54.67
N ILE A 429 -16.12 10.68 -54.73
CA ILE A 429 -16.50 11.72 -55.68
C ILE A 429 -15.45 11.85 -56.79
N GLY A 430 -14.19 11.69 -56.42
CA GLY A 430 -13.08 12.03 -57.29
C GLY A 430 -12.56 13.37 -56.82
N ALA A 431 -13.17 13.87 -55.74
CA ALA A 431 -12.81 15.15 -55.14
C ALA A 431 -11.31 15.26 -54.83
N SER A 432 -10.84 16.49 -54.68
CA SER A 432 -9.43 16.77 -54.54
C SER A 432 -9.24 18.08 -53.79
N ILE A 433 -8.00 18.37 -53.40
CA ILE A 433 -7.68 19.63 -52.75
C ILE A 433 -7.92 20.77 -53.74
N LEU A 434 -7.85 20.43 -55.03
CA LEU A 434 -8.12 21.36 -56.10
C LEU A 434 -9.63 21.45 -56.33
N THR A 435 -10.25 20.29 -56.54
CA THR A 435 -11.70 20.19 -56.70
C THR A 435 -12.44 20.96 -55.60
N VAL A 436 -11.88 20.99 -54.40
CA VAL A 436 -12.47 21.72 -53.28
C VAL A 436 -12.24 23.23 -53.39
N LEU A 437 -11.02 23.63 -53.73
CA LEU A 437 -10.71 25.05 -53.90
C LEU A 437 -11.50 25.65 -55.07
N GLU A 438 -11.94 24.79 -55.98
CA GLU A 438 -12.72 25.21 -57.14
C GLU A 438 -14.11 25.68 -56.75
N LEU A 439 -14.67 25.09 -55.70
CA LEU A 439 -16.02 25.43 -55.29
C LEU A 439 -16.06 26.65 -54.38
N PHE A 440 -14.93 27.31 -54.23
CA PHE A 440 -14.88 28.61 -53.56
C PHE A 440 -14.69 29.69 -54.63
N ASP A 441 -14.10 29.30 -55.74
CA ASP A 441 -14.03 30.15 -56.92
C ASP A 441 -15.42 30.24 -57.52
N TYR A 442 -16.12 29.11 -57.57
CA TYR A 442 -17.49 29.07 -58.06
C TYR A 442 -18.42 29.77 -57.07
N ALA A 443 -18.11 29.65 -55.78
CA ALA A 443 -18.95 30.25 -54.74
C ALA A 443 -18.11 30.73 -53.56
N ILE B 2 -29.91 4.56 2.61
CA ILE B 2 -29.58 5.98 2.70
C ILE B 2 -29.00 6.56 1.39
N ARG B 3 -28.27 5.72 0.66
CA ARG B 3 -27.75 6.11 -0.64
C ARG B 3 -28.22 5.07 -1.65
N PRO B 4 -28.39 5.49 -2.91
CA PRO B 4 -28.86 4.58 -3.98
C PRO B 4 -27.99 3.33 -4.08
N ALA B 5 -28.57 2.23 -4.57
CA ALA B 5 -27.85 0.96 -4.67
C ALA B 5 -26.71 0.96 -5.70
N PHE B 6 -26.75 1.87 -6.66
CA PHE B 6 -25.66 1.95 -7.65
C PHE B 6 -24.37 2.50 -7.02
N CYS B 7 -24.52 3.19 -5.89
CA CYS B 7 -23.38 3.73 -5.14
C CYS B 7 -22.38 2.64 -4.73
N TYR B 8 -22.87 1.42 -4.57
CA TYR B 8 -22.06 0.31 -4.10
C TYR B 8 -21.43 -0.52 -5.22
N GLU B 9 -21.69 -0.13 -6.47
CA GLU B 9 -21.13 -0.84 -7.62
C GLU B 9 -19.72 -0.34 -7.93
N ASP B 10 -18.83 -1.23 -8.36
CA ASP B 10 -17.50 -0.82 -8.81
C ASP B 10 -17.60 -0.01 -10.10
N PRO B 11 -16.92 1.15 -10.16
CA PRO B 11 -16.82 1.86 -11.44
C PRO B 11 -15.93 1.07 -12.40
N PRO B 12 -16.06 1.30 -13.72
CA PRO B 12 -15.29 0.52 -14.69
C PRO B 12 -13.81 0.95 -14.80
N PHE B 13 -13.04 0.80 -13.74
CA PHE B 13 -11.62 1.18 -13.77
C PHE B 13 -10.91 0.58 -14.98
N PHE B 14 -10.10 1.40 -15.65
CA PHE B 14 -9.19 0.96 -16.72
C PHE B 14 -9.89 0.53 -18.01
N GLN B 15 -11.22 0.50 -17.98
CA GLN B 15 -11.96 0.14 -19.18
C GLN B 15 -12.13 1.34 -20.12
N LYS B 16 -11.78 1.13 -21.39
CA LYS B 16 -11.84 2.21 -22.38
C LYS B 16 -12.92 1.96 -23.42
N CYS B 17 -13.88 2.87 -23.48
CA CYS B 17 -14.88 2.83 -24.55
C CYS B 17 -14.90 4.19 -25.24
N GLY B 18 -13.82 4.93 -25.09
CA GLY B 18 -13.73 6.29 -25.61
C GLY B 18 -12.73 7.11 -24.83
N ALA B 19 -12.98 8.41 -24.74
CA ALA B 19 -12.03 9.29 -24.08
C ALA B 19 -12.08 9.13 -22.57
N PHE B 20 -10.91 9.20 -21.94
CA PHE B 20 -10.83 9.17 -20.47
C PHE B 20 -10.97 10.59 -19.92
N VAL B 21 -11.79 10.74 -18.89
CA VAL B 21 -12.06 12.07 -18.32
C VAL B 21 -12.07 11.95 -16.79
N ASP B 22 -11.81 13.05 -16.09
CA ASP B 22 -11.94 13.07 -14.64
C ASP B 22 -13.36 12.72 -14.27
N SER B 23 -13.51 11.88 -13.27
CA SER B 23 -14.83 11.50 -12.79
C SER B 23 -14.72 11.21 -11.31
N TYR B 24 -15.84 10.88 -10.68
CA TYR B 24 -15.87 10.66 -9.24
C TYR B 24 -16.86 9.55 -8.96
N TYR B 25 -16.47 8.60 -8.11
CA TYR B 25 -17.33 7.48 -7.77
C TYR B 25 -17.37 7.36 -6.26
N PHE B 26 -18.40 6.71 -5.75
CA PHE B 26 -18.51 6.50 -4.32
C PHE B 26 -17.75 5.24 -3.98
N ASN B 27 -16.84 5.36 -3.02
CA ASN B 27 -16.05 4.22 -2.59
C ASN B 27 -16.69 3.68 -1.35
N ARG B 28 -17.18 2.45 -1.42
CA ARG B 28 -17.94 1.89 -0.30
C ARG B 28 -17.07 1.44 0.87
N SER B 29 -15.76 1.52 0.71
CA SER B 29 -14.89 1.14 1.82
C SER B 29 -14.46 2.38 2.62
N ARG B 30 -14.15 3.45 1.91
CA ARG B 30 -13.88 4.74 2.55
C ARG B 30 -15.17 5.38 3.04
N ILE B 31 -16.29 4.98 2.44
CA ILE B 31 -17.58 5.64 2.64
C ILE B 31 -17.52 7.13 2.28
N THR B 32 -16.96 7.41 1.12
CA THR B 32 -16.89 8.77 0.57
C THR B 32 -16.51 8.66 -0.90
N CYS B 33 -16.62 9.76 -1.65
CA CYS B 33 -16.34 9.71 -3.08
C CYS B 33 -14.88 10.00 -3.42
N VAL B 34 -14.43 9.49 -4.56
CA VAL B 34 -13.02 9.45 -4.88
C VAL B 34 -12.83 9.70 -6.37
N HIS B 35 -11.77 10.42 -6.74
CA HIS B 35 -11.46 10.68 -8.14
C HIS B 35 -11.05 9.40 -8.88
N PHE B 36 -11.41 9.31 -10.17
CA PHE B 36 -10.94 8.23 -11.03
C PHE B 36 -11.05 8.66 -12.48
N PHE B 37 -10.44 7.91 -13.39
CA PHE B 37 -10.59 8.21 -14.81
C PHE B 37 -11.68 7.35 -15.47
N TYR B 38 -12.74 8.01 -15.95
CA TYR B 38 -13.85 7.33 -16.60
C TYR B 38 -13.68 7.34 -18.12
N GLY B 39 -13.74 6.16 -18.73
CA GLY B 39 -13.52 6.01 -20.16
C GLY B 39 -14.77 5.75 -21.00
N GLN B 40 -15.93 6.19 -20.50
CA GLN B 40 -17.22 6.16 -21.23
C GLN B 40 -17.91 4.80 -21.32
N CYS B 41 -17.45 3.81 -20.56
CA CYS B 41 -18.19 2.55 -20.50
C CYS B 41 -19.27 2.70 -19.45
N ASP B 42 -20.49 3.01 -19.88
CA ASP B 42 -21.58 3.31 -18.95
C ASP B 42 -22.17 2.05 -18.32
N VAL B 43 -21.36 1.37 -17.54
CA VAL B 43 -21.69 0.06 -17.03
C VAL B 43 -22.68 0.15 -15.86
N ASN B 44 -22.60 1.25 -15.14
CA ASN B 44 -23.55 1.57 -14.09
C ASN B 44 -23.50 3.06 -13.85
N GLN B 45 -24.23 3.55 -12.87
CA GLN B 45 -24.32 4.99 -12.73
C GLN B 45 -23.37 5.56 -11.66
N ASN B 46 -22.51 4.72 -11.09
CA ASN B 46 -21.58 5.20 -10.09
C ASN B 46 -20.44 5.99 -10.70
N HIS B 47 -20.77 7.07 -11.40
CA HIS B 47 -19.77 8.01 -11.88
C HIS B 47 -20.37 9.40 -12.07
N PHE B 48 -19.68 10.41 -11.56
CA PHE B 48 -20.19 11.76 -11.50
C PHE B 48 -19.16 12.72 -12.03
N THR B 49 -19.61 13.82 -12.62
CA THR B 49 -18.70 14.79 -13.24
C THR B 49 -17.98 15.62 -12.19
N THR B 50 -18.51 15.63 -10.97
CA THR B 50 -17.93 16.45 -9.91
C THR B 50 -17.98 15.71 -8.59
N MET B 51 -17.07 16.08 -7.71
CA MET B 51 -16.95 15.45 -6.41
C MET B 51 -18.17 15.70 -5.53
N SER B 52 -18.67 16.94 -5.51
CA SER B 52 -19.82 17.33 -4.68
C SER B 52 -21.09 16.56 -5.06
N GLU B 53 -21.37 16.55 -6.35
CA GLU B 53 -22.46 15.76 -6.90
C GLU B 53 -22.39 14.33 -6.36
N CYS B 54 -21.22 13.68 -6.52
CA CYS B 54 -21.04 12.30 -6.05
C CYS B 54 -21.27 12.22 -4.56
N ASN B 55 -20.71 13.16 -3.82
CA ASN B 55 -20.92 13.18 -2.38
C ASN B 55 -22.36 13.51 -2.01
N ARG B 56 -23.03 14.34 -2.79
CA ARG B 56 -24.44 14.61 -2.48
C ARG B 56 -25.27 13.34 -2.67
N VAL B 57 -25.32 12.84 -3.90
CA VAL B 57 -26.12 11.66 -4.23
C VAL B 57 -25.78 10.39 -3.42
N CYS B 58 -24.49 10.07 -3.28
CA CYS B 58 -24.08 8.78 -2.67
C CYS B 58 -23.53 8.83 -1.25
N HIS B 59 -23.24 10.01 -0.70
CA HIS B 59 -22.51 10.00 0.58
C HIS B 59 -23.48 9.51 1.62
N GLY B 60 -24.77 9.74 1.31
CA GLY B 60 -25.88 9.36 2.16
C GLY B 60 -27.19 9.98 1.65
N ASN C 1 -12.87 -0.32 17.25
CA ASN C 1 -12.90 0.92 18.03
C ASN C 1 -13.84 1.98 17.47
N LEU C 2 -13.84 3.16 18.09
CA LEU C 2 -14.84 4.16 17.76
C LEU C 2 -14.69 4.74 16.36
N ASN C 3 -13.54 4.53 15.73
CA ASN C 3 -13.42 4.98 14.34
C ASN C 3 -14.30 4.13 13.43
N GLN C 4 -14.33 2.82 13.70
CA GLN C 4 -15.18 1.92 12.96
C GLN C 4 -16.66 2.19 13.24
N PHE C 5 -16.99 2.50 14.50
CA PHE C 5 -18.36 2.82 14.86
C PHE C 5 -18.81 4.03 14.11
N ARG C 6 -17.97 5.05 14.16
CA ARG C 6 -18.28 6.32 13.52
C ARG C 6 -18.52 6.09 12.03
N LEU C 7 -17.78 5.17 11.43
CA LEU C 7 -17.94 4.89 10.00
C LEU C 7 -19.21 4.08 9.75
N MET C 8 -19.48 3.10 10.62
CA MET C 8 -20.74 2.38 10.56
C MET C 8 -21.91 3.33 10.59
N ILE C 9 -21.82 4.37 11.41
CA ILE C 9 -22.90 5.33 11.49
C ILE C 9 -23.01 6.07 10.19
N LYS C 10 -21.89 6.53 9.67
CA LYS C 10 -21.90 7.23 8.38
C LYS C 10 -22.43 6.33 7.25
N CYS C 11 -22.21 5.02 7.39
CA CYS C 11 -22.65 4.02 6.42
C CYS C 11 -24.17 4.03 6.27
N THR C 12 -24.85 4.48 7.32
CA THR C 12 -26.30 4.34 7.46
C THR C 12 -27.01 5.63 7.83
N ASN C 13 -26.25 6.71 8.03
CA ASN C 13 -26.82 7.89 8.65
C ASN C 13 -26.11 9.17 8.23
N ASP C 14 -26.89 10.23 8.00
CA ASP C 14 -26.34 11.52 7.61
C ASP C 14 -26.04 12.40 8.81
N ARG C 15 -26.48 11.98 9.98
CA ARG C 15 -26.28 12.78 11.18
C ARG C 15 -24.81 12.77 11.60
N VAL C 16 -24.16 13.92 11.40
CA VAL C 16 -22.78 14.17 11.83
C VAL C 16 -22.42 13.52 13.18
N TRP C 17 -21.25 12.89 13.23
CA TRP C 17 -20.77 12.16 14.41
C TRP C 17 -20.69 12.99 15.69
N ALA C 18 -20.44 14.29 15.54
CA ALA C 18 -20.41 15.22 16.66
C ALA C 18 -21.67 15.08 17.53
N ASP C 19 -22.84 15.12 16.90
CA ASP C 19 -24.12 15.07 17.60
C ASP C 19 -24.31 13.82 18.48
N PHE C 20 -23.49 12.80 18.29
CA PHE C 20 -23.59 11.62 19.14
C PHE C 20 -22.52 11.65 20.21
N VAL C 21 -21.45 12.41 19.96
CA VAL C 21 -20.19 12.26 20.69
C VAL C 21 -20.32 12.44 22.22
N ASP C 22 -21.16 13.38 22.63
CA ASP C 22 -21.34 13.69 24.04
C ASP C 22 -22.81 13.73 24.46
N TYR C 23 -23.70 13.61 23.49
CA TYR C 23 -25.14 13.58 23.73
C TYR C 23 -25.58 12.67 24.89
N GLY C 24 -26.61 13.11 25.61
CA GLY C 24 -27.24 12.34 26.67
C GLY C 24 -26.30 11.97 27.80
N CYS C 25 -26.44 10.73 28.29
CA CYS C 25 -25.52 10.19 29.28
C CYS C 25 -24.44 9.34 28.60
N TYR C 26 -24.86 8.24 27.99
CA TYR C 26 -23.95 7.21 27.50
C TYR C 26 -23.24 7.49 26.16
N CYS C 27 -23.74 8.45 25.38
CA CYS C 27 -23.20 8.67 24.04
C CYS C 27 -21.92 9.53 24.03
N VAL C 28 -20.81 8.96 23.55
CA VAL C 28 -20.74 7.58 23.08
C VAL C 28 -19.76 6.81 23.95
N ALA C 29 -20.15 5.60 24.36
CA ALA C 29 -19.33 4.75 25.23
C ALA C 29 -18.88 5.44 26.53
N ARG C 30 -19.81 6.15 27.18
CA ARG C 30 -19.57 6.71 28.50
C ARG C 30 -20.53 6.02 29.46
N ASP C 31 -20.16 5.95 30.74
CA ASP C 31 -20.99 5.22 31.70
C ASP C 31 -21.96 6.10 32.50
N SER C 32 -23.05 5.49 32.95
CA SER C 32 -24.03 6.13 33.81
C SER C 32 -24.99 5.07 34.34
N ASN C 33 -26.11 5.51 34.91
CA ASN C 33 -27.08 4.60 35.52
C ASN C 33 -28.47 4.70 34.89
N THR C 34 -28.90 5.92 34.58
CA THR C 34 -30.19 6.14 33.96
C THR C 34 -30.02 6.92 32.65
N PRO C 35 -30.50 6.32 31.54
CA PRO C 35 -30.47 6.92 30.20
C PRO C 35 -31.59 7.92 29.96
N VAL C 36 -31.28 9.02 29.25
CA VAL C 36 -32.24 10.10 29.04
C VAL C 36 -33.41 9.76 28.10
N ASP C 37 -33.15 8.95 27.07
CA ASP C 37 -34.23 8.48 26.17
C ASP C 37 -33.88 7.20 25.43
N ASP C 38 -34.42 7.05 24.22
CA ASP C 38 -34.20 5.85 23.42
C ASP C 38 -32.81 5.82 22.77
N LEU C 39 -32.39 6.96 22.23
CA LEU C 39 -31.07 7.05 21.62
C LEU C 39 -30.00 6.76 22.65
N ASP C 40 -30.06 7.46 23.78
CA ASP C 40 -29.16 7.22 24.90
C ASP C 40 -29.27 5.77 25.38
N ARG C 41 -30.44 5.17 25.19
CA ARG C 41 -30.63 3.77 25.56
C ARG C 41 -29.86 2.84 24.62
N CYS C 42 -29.62 3.29 23.39
CA CYS C 42 -28.83 2.52 22.42
C CYS C 42 -27.39 2.43 22.92
N CYS C 43 -26.79 3.59 23.18
CA CYS C 43 -25.45 3.68 23.71
C CYS C 43 -25.28 2.84 24.96
N GLN C 44 -26.30 2.87 25.82
CA GLN C 44 -26.28 2.08 27.05
C GLN C 44 -26.04 0.60 26.75
N ALA C 45 -26.86 0.04 25.87
CA ALA C 45 -26.75 -1.39 25.55
C ALA C 45 -25.47 -1.60 24.79
N GLN C 46 -24.98 -0.53 24.16
CA GLN C 46 -23.68 -0.60 23.50
C GLN C 46 -22.55 -0.62 24.50
N LYS C 47 -22.59 0.32 25.45
CA LYS C 47 -21.61 0.37 26.52
C LYS C 47 -21.68 -0.93 27.28
N GLN C 48 -22.90 -1.41 27.49
CA GLN C 48 -23.12 -2.71 28.12
C GLN C 48 -22.49 -3.80 27.27
N CYS C 49 -22.47 -3.57 25.96
CA CYS C 49 -21.91 -4.57 25.04
C CYS C 49 -20.38 -4.62 25.10
N TYR C 50 -19.74 -3.45 25.10
CA TYR C 50 -18.28 -3.36 25.27
C TYR C 50 -17.85 -3.98 26.59
N ASP C 51 -18.58 -3.65 27.66
CA ASP C 51 -18.21 -4.13 28.98
C ASP C 51 -18.27 -5.64 29.06
N GLU C 52 -19.21 -6.25 28.33
CA GLU C 52 -19.21 -7.71 28.25
C GLU C 52 -18.07 -8.20 27.36
N ALA C 53 -17.80 -7.43 26.29
CA ALA C 53 -16.72 -7.77 25.37
C ALA C 53 -15.40 -7.84 26.13
N VAL C 54 -15.15 -6.82 26.95
CA VAL C 54 -13.97 -6.76 27.79
C VAL C 54 -13.92 -7.92 28.79
N LYS C 55 -14.95 -8.02 29.61
CA LYS C 55 -14.92 -8.95 30.75
C LYS C 55 -15.03 -10.43 30.37
N VAL C 56 -15.73 -10.74 29.29
CA VAL C 56 -15.95 -12.15 28.95
C VAL C 56 -14.97 -12.64 27.88
N HIS C 57 -14.65 -11.78 26.92
CA HIS C 57 -13.81 -12.19 25.79
C HIS C 57 -12.41 -11.58 25.78
N GLY C 58 -12.22 -10.53 26.58
CA GLY C 58 -10.91 -9.91 26.71
C GLY C 58 -10.61 -9.00 25.54
N CYS C 59 -11.65 -8.33 25.05
CA CYS C 59 -11.51 -7.43 23.92
C CYS C 59 -11.16 -6.05 24.45
N LYS C 60 -10.53 -5.25 23.61
CA LYS C 60 -10.29 -3.85 23.95
C LYS C 60 -11.02 -2.94 22.96
N PRO C 61 -12.34 -2.86 23.11
CA PRO C 61 -13.25 -2.26 22.11
C PRO C 61 -12.93 -0.82 21.81
N LEU C 62 -12.17 -0.16 22.66
CA LEU C 62 -11.86 1.23 22.40
C LEU C 62 -10.55 1.39 21.63
N VAL C 63 -9.76 0.31 21.60
CA VAL C 63 -8.47 0.29 20.91
C VAL C 63 -8.54 -0.58 19.64
N MET C 64 -9.06 -1.79 19.79
CA MET C 64 -9.00 -2.82 18.74
C MET C 64 -9.55 -2.38 17.38
N PHE C 65 -8.98 -2.96 16.34
CA PHE C 65 -9.50 -2.79 14.98
C PHE C 65 -10.48 -3.93 14.69
N TYR C 66 -11.53 -3.63 13.93
CA TYR C 66 -12.26 -4.69 13.24
C TYR C 66 -12.67 -4.16 11.87
N SER C 67 -13.10 -5.06 10.99
CA SER C 67 -13.62 -4.66 9.69
C SER C 67 -15.14 -4.86 9.58
N PHE C 68 -15.76 -4.18 8.60
CA PHE C 68 -17.17 -4.40 8.29
C PHE C 68 -17.48 -3.95 6.88
N GLU C 69 -18.51 -4.55 6.28
CA GLU C 69 -18.96 -4.12 4.96
C GLU C 69 -20.22 -3.27 5.00
N CYS C 70 -20.11 -2.08 4.45
CA CYS C 70 -21.24 -1.20 4.27
C CYS C 70 -22.01 -1.71 3.04
N ARG C 71 -23.30 -2.02 3.20
CA ARG C 71 -24.11 -2.46 2.05
C ARG C 71 -25.23 -1.47 1.78
N TYR C 72 -25.97 -1.72 0.71
CA TYR C 72 -27.11 -0.89 0.36
C TYR C 72 -28.13 -0.77 1.50
N LEU C 73 -28.44 -1.91 2.13
CA LEU C 73 -29.37 -1.94 3.26
C LEU C 73 -28.63 -1.89 4.59
N ALA C 74 -28.95 -0.89 5.41
CA ALA C 74 -28.46 -0.81 6.79
C ALA C 74 -28.48 -2.16 7.48
N SER C 75 -29.54 -2.93 7.25
CA SER C 75 -29.72 -4.25 7.86
C SER C 75 -28.63 -5.23 7.38
N ASP C 76 -28.13 -4.97 6.18
CA ASP C 76 -27.23 -5.88 5.48
C ASP C 76 -25.77 -5.62 5.87
N LEU C 77 -25.56 -4.54 6.63
CA LEU C 77 -24.25 -4.21 7.21
C LEU C 77 -23.66 -5.47 7.81
N ASP C 78 -22.45 -5.82 7.38
CA ASP C 78 -21.95 -7.17 7.60
C ASP C 78 -20.67 -7.23 8.42
N CYS C 79 -20.62 -8.18 9.36
CA CYS C 79 -19.49 -8.34 10.28
C CYS C 79 -18.86 -9.71 10.11
N SER C 80 -19.34 -10.47 9.15
CA SER C 80 -18.93 -11.88 9.02
C SER C 80 -17.50 -12.05 8.49
N GLY C 81 -16.91 -10.98 7.98
CA GLY C 81 -15.56 -11.05 7.45
C GLY C 81 -14.47 -11.12 8.51
N ASN C 82 -14.84 -10.83 9.75
CA ASN C 82 -13.88 -10.80 10.84
C ASN C 82 -13.37 -12.19 11.23
N ASN C 83 -12.07 -12.29 11.45
CA ASN C 83 -11.41 -13.58 11.65
C ASN C 83 -11.14 -13.96 13.12
N THR C 84 -11.78 -13.30 14.07
CA THR C 84 -11.64 -13.67 15.49
C THR C 84 -12.92 -13.37 16.26
N LYS C 85 -13.12 -14.11 17.36
CA LYS C 85 -14.27 -13.89 18.25
C LYS C 85 -14.43 -12.44 18.63
N CYS C 86 -13.35 -11.85 19.15
CA CYS C 86 -13.33 -10.45 19.58
C CYS C 86 -13.70 -9.44 18.50
N ARG C 87 -13.11 -9.62 17.32
CA ARG C 87 -13.40 -8.74 16.18
C ARG C 87 -14.85 -8.94 15.73
N ASN C 88 -15.28 -10.19 15.75
CA ASN C 88 -16.68 -10.51 15.47
C ASN C 88 -17.61 -9.84 16.49
N PHE C 89 -17.36 -10.12 17.77
CA PHE C 89 -18.21 -9.61 18.84
C PHE C 89 -18.36 -8.08 18.85
N VAL C 90 -17.23 -7.38 18.86
CA VAL C 90 -17.26 -5.93 18.94
C VAL C 90 -17.84 -5.30 17.69
N CYS C 91 -17.56 -5.86 16.52
CA CYS C 91 -18.21 -5.41 15.29
C CYS C 91 -19.73 -5.45 15.44
N ASN C 92 -20.24 -6.54 16.00
CA ASN C 92 -21.67 -6.67 16.27
C ASN C 92 -22.24 -5.68 17.30
N CYS C 93 -21.49 -5.40 18.37
CA CYS C 93 -21.91 -4.36 19.30
C CYS C 93 -22.14 -3.05 18.56
N ASP C 94 -21.25 -2.74 17.62
CA ASP C 94 -21.33 -1.48 16.90
C ASP C 94 -22.43 -1.52 15.84
N ARG C 95 -22.63 -2.68 15.24
CA ARG C 95 -23.71 -2.86 14.27
C ARG C 95 -25.06 -2.69 14.95
N THR C 96 -25.24 -3.38 16.08
CA THR C 96 -26.47 -3.26 16.85
C THR C 96 -26.78 -1.80 17.19
N ALA C 97 -25.76 -1.06 17.61
CA ALA C 97 -25.96 0.29 18.07
C ALA C 97 -26.30 1.25 16.93
N THR C 98 -25.70 1.04 15.76
CA THR C 98 -25.94 1.95 14.64
C THR C 98 -27.37 1.76 14.10
N LEU C 99 -27.85 0.52 14.12
CA LEU C 99 -29.23 0.22 13.72
C LEU C 99 -30.22 0.85 14.70
N CYS C 100 -29.99 0.58 15.99
CA CYS C 100 -30.77 1.17 17.07
C CYS C 100 -30.87 2.68 16.89
N ILE C 101 -29.75 3.32 16.53
CA ILE C 101 -29.76 4.76 16.29
C ILE C 101 -30.81 5.16 15.24
N LEU C 102 -31.04 4.28 14.27
CA LEU C 102 -32.00 4.55 13.19
C LEU C 102 -33.46 4.57 13.69
N THR C 103 -33.80 3.63 14.57
CA THR C 103 -35.10 3.64 15.21
C THR C 103 -35.26 4.95 15.99
N ALA C 104 -34.41 5.13 17.00
CA ALA C 104 -34.52 6.25 17.94
C ALA C 104 -34.56 7.63 17.29
N THR C 105 -35.15 8.59 17.99
CA THR C 105 -35.25 9.95 17.49
C THR C 105 -34.30 10.86 18.26
N TYR C 106 -33.94 11.98 17.65
CA TYR C 106 -32.89 12.80 18.23
C TYR C 106 -33.32 14.19 18.70
N ASN C 107 -33.30 14.39 20.01
CA ASN C 107 -33.62 15.68 20.62
C ASN C 107 -32.36 16.50 20.90
N ARG C 108 -32.12 17.53 20.09
CA ARG C 108 -30.94 18.39 20.25
C ARG C 108 -30.74 18.94 21.67
N ASN C 109 -31.81 18.96 22.46
CA ASN C 109 -31.75 19.45 23.83
C ASN C 109 -31.17 18.41 24.81
N ASN C 110 -31.06 17.16 24.37
CA ASN C 110 -30.39 16.14 25.17
C ASN C 110 -28.90 15.98 24.80
N HIS C 111 -28.41 16.93 24.02
CA HIS C 111 -27.05 16.90 23.48
C HIS C 111 -26.09 17.79 24.27
N LYS C 112 -25.03 17.20 24.81
CA LYS C 112 -24.00 17.94 25.58
C LYS C 112 -24.64 18.77 26.69
N ILE C 113 -25.15 18.08 27.72
CA ILE C 113 -25.91 18.73 28.78
C ILE C 113 -25.17 18.74 30.11
N ASP C 114 -25.87 19.09 31.18
CA ASP C 114 -25.27 19.20 32.52
C ASP C 114 -25.21 17.84 33.24
N PRO C 115 -24.03 17.51 33.77
CA PRO C 115 -23.70 16.20 34.36
C PRO C 115 -24.65 15.75 35.47
N SER C 116 -25.41 16.69 36.01
CA SER C 116 -26.33 16.40 37.10
C SER C 116 -27.44 15.41 36.71
N ARG C 117 -27.83 15.42 35.44
CA ARG C 117 -28.97 14.63 34.98
C ARG C 117 -28.69 13.13 34.96
N CYS C 118 -27.41 12.76 34.97
CA CYS C 118 -27.00 11.36 34.94
C CYS C 118 -26.26 10.98 36.23
#